data_4CJ0
#
_entry.id   4CJ0
#
_cell.length_a   87.633
_cell.length_b   87.633
_cell.length_c   97.426
_cell.angle_alpha   90.00
_cell.angle_beta   90.00
_cell.angle_gamma   90.00
#
_symmetry.space_group_name_H-M   'P 43'
#
loop_
_entity.id
_entity.type
_entity.pdbx_description
1 polymer 'ENDOGLUCANASE D'
2 polymer 'E12 AFFITIN'
3 non-polymer 'CALCIUM ION'
4 non-polymer 'ZINC ION'
5 non-polymer GLYCEROL
6 water water
#
loop_
_entity_poly.entity_id
_entity_poly.type
_entity_poly.pdbx_seq_one_letter_code
_entity_poly.pdbx_strand_id
1 'polypeptide(L)'
;SLTGVFPSGLIETKVSAAKITENYQFDSRIRLNSIGFIPNHSKKATIAANCSTFYVVKEDGTIVYTGTATSMFDNDTKET
VYIADFSSVNEEGTYYLAVPGVGKSVNFKIAMNVYEDAFKTAMLGMYLLRCGTSVSATYNGIHYSHGPCHTNDAYLDYIN
GQHTKKDSTKGWHDAGDYNKYVVNAGITVGSMFLAWEHFKDQLEPVALEIPEKNNSIPDFLDELKYEIDWILTMQYPDGS
GRVAHKVSTRNFGGFIMPENEHDERFFVPWSSAATADFVAMTAMAARIFRPYDPQYAEKCINAAKVSYEFLKNNPANVFA
NQSGFSTGEYATVSDADDRLWAAAEMWETLGDEEYLRDFENRAAQFSKKIEADFDWDNVANLGMFTYLLSERPGKNPALV
QSIKDSLLSTADSIVRTSQNHGYGRTLGTTYYWGCNGTVVRQTMILQVANKISPNNDYVNAALDAISHVFGRNYYNRSYV
TGLGINPPMNPHDRRSGADGIWEPWPGYLVGGGWPGPKDWVDIQDSYQTNEIAINWNAALIYALAGFVNYNSPQNEVLYG
DVNDDGKVNSTDLTLLKRYVLKAVSTLPSSKAEKNADVNRDGRVNSSDVTILSRYLIRVIEKLPI
;
A
2 'polypeptide(L)'
;MRGSHHHHHHGSVKVKFVSSGEEKEVDTSKIKKVWRNLTKYGTIVQFTYDDNGKTGRGYVRELDAPKELLDMLARAEGKL
N
;
B
#
loop_
_chem_comp.id
_chem_comp.type
_chem_comp.name
_chem_comp.formula
CA non-polymer 'CALCIUM ION' 'Ca 2'
GOL non-polymer GLYCEROL 'C3 H8 O3'
ZN non-polymer 'ZINC ION' 'Zn 2'
#
# COMPACT_ATOMS: atom_id res chain seq x y z
N ALA A 18 12.32 -32.61 -26.28
CA ALA A 18 12.79 -33.30 -25.01
C ALA A 18 11.80 -32.97 -23.88
N LYS A 19 11.43 -34.01 -23.15
CA LYS A 19 10.56 -33.93 -22.02
C LYS A 19 11.32 -34.37 -20.78
N ILE A 20 10.83 -33.92 -19.61
CA ILE A 20 11.42 -34.34 -18.37
C ILE A 20 11.15 -35.85 -18.22
N THR A 21 12.12 -36.57 -17.65
CA THR A 21 12.05 -38.07 -17.48
C THR A 21 11.92 -38.50 -16.03
N GLU A 22 12.02 -37.56 -15.13
CA GLU A 22 11.85 -37.78 -13.67
C GLU A 22 10.51 -37.17 -13.23
N ASN A 23 9.89 -37.71 -12.18
CA ASN A 23 8.67 -37.15 -11.59
C ASN A 23 9.05 -36.26 -10.41
N TYR A 24 8.71 -34.99 -10.59
CA TYR A 24 9.06 -33.92 -9.65
C TYR A 24 7.83 -33.63 -8.78
N GLN A 25 8.11 -33.43 -7.49
CA GLN A 25 7.14 -33.05 -6.53
C GLN A 25 7.36 -31.63 -6.13
N PHE A 26 6.29 -30.94 -5.78
CA PHE A 26 6.41 -29.60 -5.26
C PHE A 26 7.36 -29.57 -4.06
N ASP A 27 8.24 -28.59 -4.04
CA ASP A 27 9.14 -28.35 -2.92
C ASP A 27 9.08 -26.88 -2.51
N SER A 28 8.78 -26.66 -1.23
CA SER A 28 8.58 -25.30 -0.74
C SER A 28 9.82 -24.45 -0.70
N ARG A 29 11.00 -25.01 -0.95
CA ARG A 29 12.23 -24.25 -1.08
C ARG A 29 12.32 -23.55 -2.43
N ILE A 30 11.41 -23.84 -3.37
CA ILE A 30 11.49 -23.21 -4.70
C ILE A 30 10.42 -22.10 -4.73
N ARG A 31 10.91 -20.85 -4.67
CA ARG A 31 10.10 -19.69 -4.34
C ARG A 31 10.03 -18.70 -5.49
N LEU A 32 8.86 -18.52 -6.06
CA LEU A 32 8.68 -17.64 -7.23
C LEU A 32 7.29 -17.02 -7.22
N ASN A 33 7.12 -16.07 -8.14
CA ASN A 33 5.82 -15.43 -8.35
C ASN A 33 4.79 -16.43 -8.79
N SER A 34 3.82 -16.71 -7.90
CA SER A 34 2.83 -17.71 -8.10
C SER A 34 1.68 -17.26 -8.99
N ILE A 35 1.68 -16.06 -9.45
CA ILE A 35 0.79 -15.58 -10.50
C ILE A 35 1.52 -15.84 -11.84
N GLY A 36 2.63 -15.18 -12.02
CA GLY A 36 3.47 -15.45 -13.15
C GLY A 36 4.20 -14.24 -13.63
N PHE A 37 4.43 -14.19 -14.95
CA PHE A 37 5.40 -13.36 -15.58
C PHE A 37 4.90 -12.82 -16.92
N ILE A 38 5.55 -11.75 -17.36
CA ILE A 38 5.20 -11.08 -18.58
C ILE A 38 6.29 -11.29 -19.63
N PRO A 39 5.95 -11.59 -20.90
CA PRO A 39 6.97 -11.64 -21.96
C PRO A 39 7.80 -10.37 -21.97
N ASN A 40 9.07 -10.55 -22.17
N ASN A 40 9.14 -10.58 -22.21
CA ASN A 40 10.05 -9.49 -22.28
CA ASN A 40 10.13 -9.52 -22.33
C ASN A 40 10.41 -8.85 -20.96
C ASN A 40 10.50 -8.89 -21.00
N HIS A 41 10.05 -9.45 -19.85
CA HIS A 41 10.42 -9.00 -18.55
C HIS A 41 11.11 -10.10 -17.76
N SER A 42 11.73 -9.70 -16.69
CA SER A 42 12.51 -10.56 -15.83
CA SER A 42 12.50 -10.61 -15.84
C SER A 42 11.63 -11.66 -15.20
N LYS A 43 12.24 -12.84 -15.03
CA LYS A 43 11.60 -14.00 -14.43
C LYS A 43 12.64 -14.75 -13.64
N LYS A 44 12.49 -14.77 -12.31
CA LYS A 44 13.44 -15.36 -11.41
C LYS A 44 12.75 -16.24 -10.40
N ALA A 45 13.42 -17.25 -9.92
CA ALA A 45 13.06 -17.98 -8.73
C ALA A 45 14.20 -17.95 -7.74
N THR A 46 13.88 -17.96 -6.46
CA THR A 46 14.84 -18.18 -5.42
C THR A 46 14.72 -19.58 -4.91
N ILE A 47 15.79 -20.35 -4.98
CA ILE A 47 15.79 -21.76 -4.53
C ILE A 47 16.61 -21.83 -3.27
N ALA A 48 15.94 -22.09 -2.14
CA ALA A 48 16.63 -22.12 -0.87
C ALA A 48 17.14 -23.54 -0.57
N ALA A 49 18.01 -24.01 -1.47
CA ALA A 49 18.54 -25.33 -1.45
C ALA A 49 19.71 -25.38 -2.43
N ASN A 50 20.73 -26.18 -2.10
CA ASN A 50 21.84 -26.34 -3.01
C ASN A 50 21.31 -27.01 -4.29
N CYS A 51 21.71 -26.44 -5.45
CA CYS A 51 21.29 -26.90 -6.74
C CYS A 51 22.17 -26.33 -7.82
N SER A 52 21.94 -26.76 -9.05
CA SER A 52 22.68 -26.21 -10.19
CA SER A 52 22.67 -26.20 -10.20
C SER A 52 21.72 -26.15 -11.36
N THR A 53 21.54 -27.27 -12.06
CA THR A 53 20.70 -27.29 -13.25
C THR A 53 19.25 -27.03 -12.84
N PHE A 54 18.51 -26.33 -13.70
CA PHE A 54 17.07 -26.28 -13.60
C PHE A 54 16.46 -26.29 -14.99
N TYR A 55 15.20 -26.63 -15.07
CA TYR A 55 14.42 -26.65 -16.29
C TYR A 55 13.15 -25.84 -16.14
N VAL A 56 12.74 -25.19 -17.21
CA VAL A 56 11.39 -24.65 -17.30
C VAL A 56 10.64 -25.62 -18.19
N VAL A 57 9.47 -26.05 -17.70
CA VAL A 57 8.72 -27.20 -18.26
C VAL A 57 7.28 -26.82 -18.45
N LYS A 58 6.75 -27.16 -19.61
CA LYS A 58 5.32 -27.01 -19.86
C LYS A 58 4.56 -28.08 -19.07
N GLU A 59 3.26 -27.92 -18.94
CA GLU A 59 2.50 -28.93 -18.20
C GLU A 59 2.61 -30.38 -18.70
N ASP A 60 2.65 -30.61 -20.02
CA ASP A 60 2.89 -31.94 -20.59
C ASP A 60 4.30 -32.47 -20.45
N GLY A 61 5.20 -31.66 -19.84
CA GLY A 61 6.54 -32.16 -19.58
C GLY A 61 7.57 -31.74 -20.57
N THR A 62 7.18 -30.93 -21.55
CA THR A 62 8.14 -30.44 -22.55
C THR A 62 9.07 -29.44 -21.89
N ILE A 63 10.37 -29.66 -22.08
CA ILE A 63 11.38 -28.78 -21.55
C ILE A 63 11.55 -27.62 -22.53
N VAL A 64 11.39 -26.37 -22.08
CA VAL A 64 11.55 -25.24 -22.97
C VAL A 64 12.82 -24.48 -22.69
N TYR A 65 13.46 -24.74 -21.55
CA TYR A 65 14.68 -24.02 -21.15
C TYR A 65 15.44 -24.83 -20.12
N THR A 66 16.78 -24.83 -20.23
CA THR A 66 17.70 -25.46 -19.29
C THR A 66 18.63 -24.37 -18.90
N GLY A 67 18.79 -24.19 -17.61
CA GLY A 67 19.68 -23.21 -17.10
C GLY A 67 20.48 -23.70 -15.88
N THR A 68 21.31 -22.83 -15.36
CA THR A 68 22.13 -23.04 -14.17
C THR A 68 21.85 -21.92 -13.17
N ALA A 69 21.42 -22.34 -11.97
CA ALA A 69 21.16 -21.42 -10.91
C ALA A 69 22.45 -20.96 -10.31
N THR A 70 22.51 -19.71 -9.83
CA THR A 70 23.68 -19.06 -9.33
C THR A 70 23.51 -18.68 -7.83
N SER A 71 24.55 -18.96 -7.05
CA SER A 71 24.50 -18.72 -5.63
C SER A 71 24.48 -17.25 -5.32
N MET A 72 23.78 -16.89 -4.28
CA MET A 72 23.82 -15.54 -3.78
C MET A 72 23.57 -15.56 -2.27
N PHE A 73 24.31 -14.78 -1.47
CA PHE A 73 23.98 -14.67 -0.08
C PHE A 73 22.77 -13.73 0.15
N ASP A 74 21.72 -14.22 0.75
CA ASP A 74 20.64 -13.35 1.11
C ASP A 74 21.01 -12.78 2.47
N ASN A 75 21.54 -11.55 2.50
CA ASN A 75 21.93 -10.93 3.74
C ASN A 75 20.76 -10.81 4.64
N ASP A 76 19.54 -10.62 4.13
CA ASP A 76 18.36 -10.44 4.90
C ASP A 76 18.08 -11.66 5.81
N THR A 77 18.01 -12.86 5.24
CA THR A 77 17.77 -14.08 5.98
C THR A 77 19.04 -14.78 6.43
N LYS A 78 20.18 -14.27 6.09
CA LYS A 78 21.47 -14.81 6.52
C LYS A 78 21.68 -16.23 6.02
N GLU A 79 21.41 -16.48 4.77
CA GLU A 79 21.67 -17.77 4.19
C GLU A 79 21.90 -17.62 2.71
N THR A 80 22.67 -18.51 2.12
CA THR A 80 22.83 -18.64 0.67
C THR A 80 21.59 -19.22 0.06
N VAL A 81 21.16 -18.57 -1.03
CA VAL A 81 20.10 -19.07 -1.89
C VAL A 81 20.66 -19.17 -3.33
N TYR A 82 19.91 -19.87 -4.16
CA TYR A 82 20.30 -20.06 -5.57
C TYR A 82 19.25 -19.40 -6.44
N ILE A 83 19.69 -18.60 -7.38
CA ILE A 83 18.81 -17.83 -8.24
C ILE A 83 18.71 -18.49 -9.60
N ALA A 84 17.51 -18.85 -9.99
CA ALA A 84 17.21 -19.41 -11.29
C ALA A 84 16.64 -18.27 -12.16
N ASP A 85 17.37 -17.80 -13.15
CA ASP A 85 16.97 -16.75 -14.03
C ASP A 85 16.46 -17.34 -15.33
N PHE A 86 15.18 -17.34 -15.58
CA PHE A 86 14.58 -17.87 -16.77
C PHE A 86 13.84 -16.75 -17.59
N SER A 87 14.43 -15.54 -17.50
CA SER A 87 13.88 -14.40 -18.16
C SER A 87 13.68 -14.59 -19.66
N SER A 88 14.58 -15.37 -20.29
CA SER A 88 14.50 -15.61 -21.71
C SER A 88 13.32 -16.47 -22.17
N VAL A 89 12.59 -17.11 -21.26
CA VAL A 89 11.41 -17.82 -21.69
C VAL A 89 10.29 -16.83 -21.92
N ASN A 90 9.80 -16.74 -23.15
CA ASN A 90 8.93 -15.66 -23.58
C ASN A 90 7.77 -16.13 -24.44
N GLU A 91 7.46 -17.42 -24.40
CA GLU A 91 6.32 -17.99 -25.07
C GLU A 91 5.19 -18.02 -24.04
N GLU A 92 4.03 -17.47 -24.35
CA GLU A 92 2.93 -17.53 -23.41
C GLU A 92 2.56 -18.97 -23.15
N GLY A 93 2.17 -19.28 -21.93
CA GLY A 93 1.74 -20.61 -21.54
C GLY A 93 1.77 -20.77 -20.07
N THR A 94 1.60 -22.01 -19.63
CA THR A 94 1.67 -22.41 -18.26
C THR A 94 2.86 -23.31 -18.07
N TYR A 95 3.65 -23.10 -17.05
CA TYR A 95 4.88 -23.78 -16.84
C TYR A 95 5.11 -24.07 -15.36
N TYR A 96 6.12 -24.90 -15.07
CA TYR A 96 6.71 -24.99 -13.77
C TYR A 96 8.24 -25.06 -13.91
N LEU A 97 8.93 -24.80 -12.80
CA LEU A 97 10.34 -24.93 -12.71
C LEU A 97 10.68 -26.30 -12.07
N ALA A 98 11.51 -27.08 -12.74
CA ALA A 98 11.93 -28.36 -12.20
C ALA A 98 13.43 -28.21 -11.86
N VAL A 99 13.77 -28.61 -10.63
CA VAL A 99 15.11 -28.46 -10.13
C VAL A 99 15.58 -29.81 -9.64
N PRO A 100 16.47 -30.50 -10.42
CA PRO A 100 17.02 -31.77 -9.97
C PRO A 100 17.61 -31.66 -8.56
N GLY A 101 17.30 -32.65 -7.74
CA GLY A 101 17.78 -32.68 -6.32
C GLY A 101 16.95 -31.95 -5.32
N VAL A 102 15.97 -31.19 -5.82
CA VAL A 102 15.08 -30.41 -5.00
C VAL A 102 13.61 -30.72 -5.19
N GLY A 103 13.09 -30.48 -6.40
CA GLY A 103 11.70 -30.69 -6.65
C GLY A 103 11.26 -29.67 -7.71
N LYS A 104 9.99 -29.34 -7.68
CA LYS A 104 9.42 -28.37 -8.63
C LYS A 104 8.72 -27.23 -7.92
N SER A 105 8.60 -26.12 -8.64
CA SER A 105 7.79 -25.02 -8.21
C SER A 105 6.30 -25.34 -8.41
N VAL A 106 5.43 -24.45 -7.95
CA VAL A 106 4.05 -24.40 -8.36
C VAL A 106 4.00 -24.02 -9.84
N ASN A 107 2.89 -24.32 -10.50
CA ASN A 107 2.69 -23.85 -11.87
C ASN A 107 2.51 -22.31 -11.83
N PHE A 108 2.90 -21.69 -12.93
CA PHE A 108 2.77 -20.28 -13.15
C PHE A 108 2.42 -20.01 -14.60
N LYS A 109 1.96 -18.83 -14.87
CA LYS A 109 1.65 -18.42 -16.23
C LYS A 109 2.67 -17.39 -16.74
N ILE A 110 2.95 -17.46 -18.05
CA ILE A 110 3.59 -16.38 -18.78
C ILE A 110 2.56 -15.82 -19.72
N ALA A 111 2.22 -14.56 -19.59
CA ALA A 111 1.21 -13.93 -20.41
C ALA A 111 1.27 -12.41 -20.31
N MET A 112 0.98 -11.69 -21.38
CA MET A 112 0.96 -10.26 -21.32
C MET A 112 -0.05 -9.76 -20.27
N ASN A 113 -1.17 -10.45 -20.13
CA ASN A 113 -2.25 -10.12 -19.23
C ASN A 113 -2.26 -10.83 -17.91
N VAL A 114 -1.08 -11.35 -17.50
CA VAL A 114 -1.02 -12.25 -16.37
C VAL A 114 -1.54 -11.63 -15.05
N TYR A 115 -1.42 -10.32 -14.91
CA TYR A 115 -1.82 -9.65 -13.66
C TYR A 115 -3.27 -9.09 -13.66
N GLU A 116 -4.02 -9.24 -14.75
CA GLU A 116 -5.33 -8.61 -14.80
C GLU A 116 -6.28 -9.20 -13.78
N ASP A 117 -6.30 -10.51 -13.60
CA ASP A 117 -7.17 -11.08 -12.59
C ASP A 117 -6.81 -10.60 -11.20
N ALA A 118 -5.52 -10.52 -10.87
CA ALA A 118 -5.09 -10.05 -9.58
C ALA A 118 -5.50 -8.60 -9.40
N PHE A 119 -5.37 -7.77 -10.42
CA PHE A 119 -5.82 -6.38 -10.35
C PHE A 119 -7.29 -6.32 -10.01
N LYS A 120 -8.11 -7.06 -10.75
CA LYS A 120 -9.52 -7.03 -10.52
C LYS A 120 -9.87 -7.54 -9.15
N THR A 121 -9.12 -8.48 -8.62
CA THR A 121 -9.34 -9.04 -7.30
C THR A 121 -8.98 -8.03 -6.22
N ALA A 122 -7.90 -7.29 -6.38
CA ALA A 122 -7.55 -6.22 -5.44
C ALA A 122 -8.64 -5.15 -5.45
N MET A 123 -9.17 -4.82 -6.62
CA MET A 123 -10.28 -3.88 -6.71
C MET A 123 -11.54 -4.45 -6.06
N LEU A 124 -11.80 -5.75 -6.21
CA LEU A 124 -12.90 -6.39 -5.52
C LEU A 124 -12.76 -6.20 -4.00
N GLY A 125 -11.53 -6.30 -3.50
CA GLY A 125 -11.30 -6.08 -2.08
C GLY A 125 -11.78 -4.70 -1.66
N MET A 126 -11.52 -3.68 -2.50
CA MET A 126 -11.99 -2.32 -2.20
C MET A 126 -13.50 -2.26 -2.18
N TYR A 127 -14.15 -2.82 -3.19
CA TYR A 127 -15.62 -2.88 -3.22
C TYR A 127 -16.13 -3.50 -1.96
N LEU A 128 -15.53 -4.63 -1.54
CA LEU A 128 -16.03 -5.36 -0.39
C LEU A 128 -15.74 -4.67 0.93
N LEU A 129 -14.91 -3.63 0.95
CA LEU A 129 -14.70 -2.77 2.09
C LEU A 129 -15.72 -1.64 2.17
N ARG A 130 -16.61 -1.47 1.20
CA ARG A 130 -17.52 -0.34 1.25
C ARG A 130 -18.37 -0.34 2.54
N CYS A 131 -18.61 0.87 3.02
CA CYS A 131 -19.41 1.13 4.19
C CYS A 131 -20.71 1.84 3.78
N GLY A 132 -21.80 1.62 4.51
CA GLY A 132 -23.05 2.31 4.26
C GLY A 132 -23.97 1.64 3.28
N THR A 133 -23.59 0.49 2.79
CA THR A 133 -24.33 -0.25 1.81
C THR A 133 -24.13 -1.75 2.07
N SER A 134 -25.09 -2.54 1.55
CA SER A 134 -24.80 -3.96 1.44
C SER A 134 -23.74 -4.14 0.35
N VAL A 135 -23.00 -5.25 0.47
CA VAL A 135 -22.07 -5.66 -0.56
C VAL A 135 -22.28 -7.15 -0.81
N SER A 136 -21.96 -7.59 -2.03
CA SER A 136 -22.10 -8.98 -2.42
C SER A 136 -21.16 -9.26 -3.54
N ALA A 137 -20.45 -10.38 -3.50
CA ALA A 137 -19.68 -10.83 -4.64
C ALA A 137 -19.49 -12.31 -4.49
N THR A 138 -19.33 -13.02 -5.65
CA THR A 138 -18.98 -14.40 -5.66
C THR A 138 -17.57 -14.49 -6.21
N TYR A 139 -16.66 -15.08 -5.45
CA TYR A 139 -15.24 -15.14 -5.78
C TYR A 139 -14.79 -16.56 -5.61
N ASN A 140 -14.31 -17.16 -6.71
CA ASN A 140 -13.92 -18.61 -6.65
C ASN A 140 -15.06 -19.46 -6.09
N GLY A 141 -16.27 -19.11 -6.51
CA GLY A 141 -17.43 -19.88 -6.11
C GLY A 141 -17.94 -19.62 -4.71
N ILE A 142 -17.31 -18.71 -3.98
CA ILE A 142 -17.62 -18.40 -2.61
C ILE A 142 -18.39 -17.09 -2.57
N HIS A 143 -19.54 -17.07 -1.94
CA HIS A 143 -20.39 -15.83 -1.84
C HIS A 143 -20.04 -15.03 -0.61
N TYR A 144 -19.41 -13.91 -0.76
CA TYR A 144 -19.10 -12.99 0.32
C TYR A 144 -20.15 -11.88 0.31
N SER A 145 -20.71 -11.57 1.48
CA SER A 145 -21.72 -10.55 1.54
C SER A 145 -21.88 -10.01 2.96
N HIS A 146 -22.41 -8.79 3.04
CA HIS A 146 -22.96 -8.28 4.26
C HIS A 146 -24.05 -7.27 3.97
N GLY A 147 -24.93 -7.02 4.96
CA GLY A 147 -25.98 -6.05 4.82
C GLY A 147 -25.52 -4.65 5.03
N PRO A 148 -26.44 -3.68 4.88
CA PRO A 148 -26.06 -2.25 5.00
C PRO A 148 -25.50 -1.97 6.40
N CYS A 149 -24.41 -1.23 6.48
CA CYS A 149 -23.75 -0.96 7.75
C CYS A 149 -23.56 0.54 7.95
N HIS A 150 -23.51 0.93 9.22
CA HIS A 150 -23.11 2.26 9.62
C HIS A 150 -23.90 3.30 8.89
N THR A 151 -25.23 3.10 8.84
CA THR A 151 -26.13 3.92 8.13
C THR A 151 -26.51 5.21 8.88
N ASN A 152 -26.07 5.31 10.13
CA ASN A 152 -26.30 6.46 10.98
C ASN A 152 -25.04 7.33 11.19
N ASP A 153 -24.09 7.21 10.30
CA ASP A 153 -22.92 8.04 10.38
C ASP A 153 -23.32 9.48 10.03
N ALA A 154 -22.90 10.47 10.81
CA ALA A 154 -22.25 10.41 12.11
C ALA A 154 -22.72 11.60 12.93
N TYR A 155 -22.45 11.51 14.23
CA TYR A 155 -22.89 12.52 15.16
C TYR A 155 -21.82 13.55 15.41
N LEU A 156 -22.26 14.80 15.68
CA LEU A 156 -21.40 15.97 15.82
C LEU A 156 -21.02 16.33 17.23
N ASP A 157 -21.36 15.50 18.24
CA ASP A 157 -21.18 15.93 19.62
C ASP A 157 -19.76 16.39 19.97
N TYR A 158 -18.75 15.67 19.49
CA TYR A 158 -17.39 15.97 19.79
C TYR A 158 -16.84 17.19 19.04
N ILE A 159 -17.59 17.64 18.04
CA ILE A 159 -17.23 18.83 17.25
C ILE A 159 -17.89 20.07 17.76
N ASN A 160 -19.18 20.07 18.04
CA ASN A 160 -19.88 21.27 18.39
C ASN A 160 -20.81 21.08 19.58
N GLY A 161 -20.75 19.96 20.31
CA GLY A 161 -21.55 19.74 21.46
C GLY A 161 -22.97 19.29 21.22
N GLN A 162 -23.38 19.20 19.96
CA GLN A 162 -24.77 18.92 19.64
C GLN A 162 -24.86 17.48 19.17
N HIS A 163 -25.95 16.78 19.62
CA HIS A 163 -26.22 15.38 19.23
C HIS A 163 -26.98 15.43 17.91
N THR A 164 -26.35 15.97 16.92
CA THR A 164 -26.91 16.19 15.60
C THR A 164 -26.20 15.25 14.64
N LYS A 165 -26.96 14.54 13.82
CA LYS A 165 -26.38 13.71 12.79
C LYS A 165 -26.17 14.53 11.56
N LYS A 166 -24.97 14.43 10.97
CA LYS A 166 -24.64 14.96 9.65
C LYS A 166 -24.20 13.75 8.84
N ASP A 167 -24.81 13.57 7.68
CA ASP A 167 -24.51 12.39 6.86
C ASP A 167 -23.00 12.29 6.62
N SER A 168 -22.43 11.17 7.04
CA SER A 168 -21.04 10.79 6.79
C SER A 168 -20.93 9.34 6.42
N THR A 169 -21.95 8.88 5.69
CA THR A 169 -21.98 7.50 5.22
C THR A 169 -21.08 7.36 3.99
N LYS A 170 -20.97 6.12 3.56
CA LYS A 170 -20.21 5.71 2.35
C LYS A 170 -18.72 5.64 2.68
N GLY A 171 -17.87 5.66 1.66
CA GLY A 171 -16.46 5.40 1.91
C GLY A 171 -16.15 3.94 2.16
N TRP A 172 -14.87 3.69 2.42
CA TRP A 172 -14.35 2.38 2.71
C TRP A 172 -14.06 2.23 4.18
N HIS A 173 -14.43 1.09 4.75
CA HIS A 173 -13.85 0.65 6.01
C HIS A 173 -12.33 0.64 5.84
N ASP A 174 -11.61 1.14 6.85
CA ASP A 174 -10.19 1.38 6.66
C ASP A 174 -9.31 0.16 6.58
N ALA A 175 -9.63 -0.85 7.39
CA ALA A 175 -8.66 -1.89 7.71
C ALA A 175 -9.38 -3.11 8.17
N GLY A 176 -8.88 -3.77 9.25
CA GLY A 176 -9.65 -4.83 9.83
C GLY A 176 -10.80 -4.35 10.71
N ASP A 177 -10.79 -3.05 11.01
CA ASP A 177 -11.89 -2.35 11.69
C ASP A 177 -12.73 -1.61 10.67
N TYR A 178 -13.82 -1.02 11.16
CA TYR A 178 -14.78 -0.40 10.31
C TYR A 178 -14.74 1.11 10.27
N ASN A 179 -13.87 1.72 11.08
CA ASN A 179 -13.81 3.18 11.16
C ASN A 179 -13.17 3.75 9.88
N LYS A 180 -13.29 5.06 9.70
CA LYS A 180 -12.95 5.73 8.43
C LYS A 180 -12.09 6.93 8.78
N TYR A 181 -10.88 6.97 8.21
CA TYR A 181 -9.84 7.90 8.64
C TYR A 181 -9.36 8.70 7.45
N VAL A 182 -9.40 10.03 7.55
CA VAL A 182 -9.04 10.90 6.43
C VAL A 182 -7.57 10.80 6.04
N VAL A 183 -6.66 10.80 7.04
CA VAL A 183 -5.24 10.81 6.70
C VAL A 183 -4.90 9.55 5.95
N ASN A 184 -5.37 8.38 6.37
CA ASN A 184 -5.05 7.17 5.60
C ASN A 184 -5.67 7.15 4.25
N ALA A 185 -6.85 7.76 4.12
CA ALA A 185 -7.47 7.93 2.84
C ALA A 185 -6.58 8.74 1.89
N GLY A 186 -5.80 9.69 2.40
CA GLY A 186 -4.94 10.50 1.61
C GLY A 186 -4.00 9.70 0.71
N ILE A 187 -3.12 8.88 1.30
CA ILE A 187 -2.20 8.11 0.48
C ILE A 187 -2.95 7.13 -0.39
N THR A 188 -4.08 6.58 0.12
CA THR A 188 -4.86 5.59 -0.59
C THR A 188 -5.42 6.16 -1.89
N VAL A 189 -6.23 7.23 -1.72
CA VAL A 189 -6.86 7.91 -2.83
C VAL A 189 -5.81 8.53 -3.75
N GLY A 190 -4.79 9.15 -3.17
CA GLY A 190 -3.76 9.74 -3.99
C GLY A 190 -3.07 8.75 -4.87
N SER A 191 -2.69 7.60 -4.29
CA SER A 191 -2.03 6.58 -5.05
C SER A 191 -2.94 5.98 -6.14
N MET A 192 -4.21 5.80 -5.82
CA MET A 192 -5.13 5.28 -6.83
C MET A 192 -5.43 6.28 -7.93
N PHE A 193 -5.60 7.57 -7.58
CA PHE A 193 -5.76 8.59 -8.61
C PHE A 193 -4.52 8.70 -9.48
N LEU A 194 -3.33 8.55 -8.91
CA LEU A 194 -2.13 8.53 -9.74
C LEU A 194 -2.06 7.29 -10.62
N ALA A 195 -2.57 6.14 -10.16
CA ALA A 195 -2.66 5.02 -11.08
C ALA A 195 -3.52 5.37 -12.29
N TRP A 196 -4.66 6.07 -12.02
CA TRP A 196 -5.51 6.51 -13.08
C TRP A 196 -4.79 7.43 -14.04
N GLU A 197 -4.12 8.48 -13.51
CA GLU A 197 -3.49 9.42 -14.37
C GLU A 197 -2.29 8.81 -15.13
N HIS A 198 -1.51 7.99 -14.45
CA HIS A 198 -0.33 7.40 -15.03
C HIS A 198 -0.65 6.38 -16.09
N PHE A 199 -1.75 5.63 -15.89
CA PHE A 199 -2.10 4.51 -16.69
C PHE A 199 -3.51 4.62 -17.30
N LYS A 200 -3.94 5.84 -17.56
CA LYS A 200 -5.35 6.10 -17.95
C LYS A 200 -5.80 5.24 -19.09
N ASP A 201 -5.00 5.21 -20.17
CA ASP A 201 -5.50 4.46 -21.34
C ASP A 201 -5.60 2.98 -21.11
N GLN A 202 -4.83 2.49 -20.13
CA GLN A 202 -4.90 1.09 -19.71
C GLN A 202 -6.08 0.80 -18.82
N LEU A 203 -6.46 1.72 -17.91
CA LEU A 203 -7.49 1.49 -16.94
C LEU A 203 -8.86 1.91 -17.39
N GLU A 204 -8.96 2.91 -18.30
CA GLU A 204 -10.28 3.38 -18.65
CA GLU A 204 -10.27 3.42 -18.78
C GLU A 204 -11.22 2.34 -19.22
N PRO A 205 -10.76 1.32 -19.98
CA PRO A 205 -11.66 0.31 -20.47
C PRO A 205 -12.03 -0.79 -19.48
N VAL A 206 -11.41 -0.83 -18.33
CA VAL A 206 -11.56 -1.94 -17.43
C VAL A 206 -12.97 -2.01 -16.81
N ALA A 207 -13.62 -3.17 -16.87
CA ALA A 207 -14.88 -3.44 -16.23
C ALA A 207 -14.62 -4.17 -14.90
N LEU A 208 -15.34 -3.77 -13.88
CA LEU A 208 -15.23 -4.36 -12.55
C LEU A 208 -16.56 -4.89 -12.10
N GLU A 209 -16.50 -5.82 -11.12
CA GLU A 209 -17.68 -6.37 -10.48
C GLU A 209 -18.15 -5.41 -9.39
N ILE A 210 -18.89 -4.36 -9.82
CA ILE A 210 -19.42 -3.31 -8.96
C ILE A 210 -20.83 -2.92 -9.38
N PRO A 211 -21.60 -2.31 -8.47
CA PRO A 211 -22.98 -1.92 -8.84
C PRO A 211 -23.01 -0.92 -9.98
N GLU A 212 -21.96 -0.13 -10.13
CA GLU A 212 -21.91 0.96 -11.13
C GLU A 212 -21.37 0.51 -12.45
N LYS A 213 -21.39 -0.80 -12.75
CA LYS A 213 -20.87 -1.36 -13.97
C LYS A 213 -21.62 -0.99 -15.25
N ASN A 214 -22.80 -0.43 -15.15
CA ASN A 214 -23.59 0.00 -16.32
C ASN A 214 -23.81 1.47 -16.44
N ASN A 215 -23.12 2.28 -15.71
CA ASN A 215 -23.24 3.71 -15.79
C ASN A 215 -22.28 4.28 -16.81
N SER A 216 -22.15 5.60 -16.87
CA SER A 216 -21.30 6.20 -17.90
C SER A 216 -19.91 6.58 -17.39
N ILE A 217 -19.54 6.02 -16.24
CA ILE A 217 -18.28 6.35 -15.59
C ILE A 217 -17.36 5.15 -15.65
N PRO A 218 -16.08 5.27 -15.95
CA PRO A 218 -15.17 4.12 -15.86
C PRO A 218 -15.23 3.50 -14.49
N ASP A 219 -15.31 2.17 -14.44
CA ASP A 219 -15.52 1.46 -13.18
C ASP A 219 -14.42 1.74 -12.13
N PHE A 220 -13.16 1.90 -12.56
CA PHE A 220 -12.11 2.27 -11.62
C PHE A 220 -12.48 3.53 -10.86
N LEU A 221 -12.98 4.53 -11.61
CA LEU A 221 -13.39 5.78 -10.98
C LEU A 221 -14.65 5.67 -10.15
N ASP A 222 -15.58 4.79 -10.49
CA ASP A 222 -16.73 4.57 -9.62
C ASP A 222 -16.27 4.14 -8.22
N GLU A 223 -15.30 3.26 -8.14
CA GLU A 223 -14.86 2.81 -6.83
C GLU A 223 -14.29 3.99 -6.05
N LEU A 224 -13.45 4.78 -6.68
CA LEU A 224 -12.93 5.98 -6.05
C LEU A 224 -13.99 6.97 -5.64
N LYS A 225 -15.04 7.14 -6.46
CA LYS A 225 -16.09 8.04 -6.12
C LYS A 225 -16.77 7.64 -4.83
N TYR A 226 -16.88 6.34 -4.56
CA TYR A 226 -17.52 5.93 -3.32
C TYR A 226 -16.76 6.44 -2.10
N GLU A 227 -15.43 6.52 -2.21
CA GLU A 227 -14.59 7.13 -1.18
C GLU A 227 -14.69 8.63 -1.17
N ILE A 228 -14.61 9.31 -2.32
CA ILE A 228 -14.69 10.75 -2.34
C ILE A 228 -16.06 11.23 -1.81
N ASP A 229 -17.11 10.46 -2.05
CA ASP A 229 -18.43 10.80 -1.53
C ASP A 229 -18.38 10.92 0.01
N TRP A 230 -17.63 10.05 0.68
CA TRP A 230 -17.43 10.16 2.10
C TRP A 230 -16.51 11.30 2.45
N ILE A 231 -15.38 11.43 1.80
CA ILE A 231 -14.43 12.52 2.10
C ILE A 231 -15.14 13.85 2.08
N LEU A 232 -16.01 14.09 1.12
CA LEU A 232 -16.68 15.37 0.99
C LEU A 232 -17.54 15.72 2.19
N THR A 233 -17.94 14.76 3.00
CA THR A 233 -18.75 15.00 4.20
C THR A 233 -17.95 15.46 5.41
N MET A 234 -16.63 15.49 5.30
CA MET A 234 -15.77 15.64 6.48
C MET A 234 -15.42 17.08 6.80
N GLN A 235 -15.82 18.05 6.01
CA GLN A 235 -15.63 19.47 6.36
C GLN A 235 -16.58 19.82 7.51
N TYR A 236 -16.14 20.69 8.37
CA TYR A 236 -16.93 21.14 9.52
C TYR A 236 -18.18 21.84 9.05
N PRO A 237 -19.30 21.66 9.76
CA PRO A 237 -20.53 22.33 9.42
C PRO A 237 -20.53 23.84 9.58
N ASP A 238 -19.61 24.38 10.35
CA ASP A 238 -19.48 25.82 10.50
C ASP A 238 -18.96 26.52 9.32
N GLY A 239 -18.55 25.80 8.23
CA GLY A 239 -18.07 26.44 7.05
C GLY A 239 -16.65 26.91 7.10
N SER A 240 -15.91 26.61 8.15
CA SER A 240 -14.57 27.06 8.33
C SER A 240 -13.56 26.46 7.36
N GLY A 241 -13.89 25.24 6.84
CA GLY A 241 -12.96 24.53 6.03
C GLY A 241 -12.10 23.53 6.78
N ARG A 242 -12.17 23.51 8.10
CA ARG A 242 -11.50 22.44 8.85
C ARG A 242 -12.11 21.12 8.51
N VAL A 243 -11.29 20.08 8.51
CA VAL A 243 -11.72 18.72 8.13
C VAL A 243 -11.53 17.79 9.34
N ALA A 244 -12.63 17.17 9.77
CA ALA A 244 -12.63 16.18 10.81
C ALA A 244 -11.63 15.09 10.51
N HIS A 245 -10.96 14.52 11.55
CA HIS A 245 -9.88 13.61 11.32
C HIS A 245 -10.36 12.22 10.90
N LYS A 246 -11.50 11.79 11.44
CA LYS A 246 -12.00 10.44 11.25
C LYS A 246 -13.45 10.40 11.64
N VAL A 247 -14.15 9.34 11.22
CA VAL A 247 -15.47 8.94 11.75
C VAL A 247 -15.23 7.63 12.49
N SER A 248 -15.63 7.56 13.74
CA SER A 248 -15.27 6.42 14.59
C SER A 248 -16.27 6.19 15.66
N THR A 249 -16.36 4.91 16.07
CA THR A 249 -16.88 4.58 17.41
C THR A 249 -15.90 5.04 18.43
N ARG A 250 -16.34 5.16 19.70
CA ARG A 250 -15.44 5.59 20.76
C ARG A 250 -14.28 4.60 20.94
N ASN A 251 -14.58 3.33 20.90
CA ASN A 251 -13.63 2.24 21.10
C ASN A 251 -13.79 1.23 19.97
N PHE A 252 -12.83 0.33 19.78
CA PHE A 252 -13.01 -0.72 18.82
C PHE A 252 -14.09 -1.66 19.24
N GLY A 253 -14.96 -1.98 18.31
CA GLY A 253 -15.85 -3.04 18.45
C GLY A 253 -15.17 -4.41 18.26
N GLY A 254 -15.92 -5.44 18.58
CA GLY A 254 -15.52 -6.77 18.42
C GLY A 254 -15.50 -7.33 17.03
N PHE A 255 -15.26 -8.63 16.95
CA PHE A 255 -15.24 -9.38 15.69
C PHE A 255 -16.68 -9.75 15.36
N ILE A 256 -17.39 -8.79 14.78
CA ILE A 256 -18.78 -8.85 14.40
C ILE A 256 -18.87 -8.31 12.98
N MET A 257 -19.93 -8.69 12.29
CA MET A 257 -20.25 -8.14 10.98
C MET A 257 -20.64 -6.72 11.10
N PRO A 258 -20.35 -5.89 10.09
CA PRO A 258 -20.51 -4.42 10.30
C PRO A 258 -21.97 -3.98 10.49
N GLU A 259 -22.88 -4.71 9.85
CA GLU A 259 -24.30 -4.39 9.99
C GLU A 259 -24.81 -4.71 11.40
N ASN A 260 -24.03 -5.39 12.22
CA ASN A 260 -24.39 -5.72 13.59
C ASN A 260 -23.69 -4.79 14.57
N GLU A 261 -23.03 -3.75 14.11
CA GLU A 261 -22.36 -2.79 14.98
C GLU A 261 -23.23 -1.55 15.09
N HIS A 262 -23.98 -1.42 16.14
CA HIS A 262 -24.92 -0.36 16.35
C HIS A 262 -24.43 0.79 17.19
N ASP A 263 -23.25 0.72 17.73
CA ASP A 263 -22.72 1.82 18.57
C ASP A 263 -22.67 3.08 17.73
N GLU A 264 -22.90 4.23 18.34
CA GLU A 264 -22.88 5.48 17.66
C GLU A 264 -21.48 5.74 17.12
N ARG A 265 -21.43 6.44 15.97
CA ARG A 265 -20.21 6.87 15.38
C ARG A 265 -20.17 8.38 15.31
N PHE A 266 -18.99 8.95 15.48
CA PHE A 266 -18.79 10.37 15.68
C PHE A 266 -17.78 10.94 14.74
N PHE A 267 -17.98 12.17 14.29
CA PHE A 267 -16.91 12.97 13.73
C PHE A 267 -15.91 13.30 14.83
N VAL A 268 -14.62 13.18 14.51
CA VAL A 268 -13.56 13.46 15.45
C VAL A 268 -12.90 14.77 15.11
N PRO A 269 -12.48 15.58 16.10
CA PRO A 269 -11.90 16.89 15.83
C PRO A 269 -10.81 16.91 14.79
N TRP A 270 -10.75 18.06 14.11
CA TRP A 270 -9.92 18.27 12.93
C TRP A 270 -8.47 18.18 13.19
N SER A 271 -7.72 17.90 12.11
CA SER A 271 -6.28 18.06 12.06
C SER A 271 -5.92 18.86 10.81
N SER A 272 -4.77 19.50 10.87
CA SER A 272 -4.32 20.23 9.69
C SER A 272 -3.92 19.27 8.57
N ALA A 273 -3.34 18.13 8.92
CA ALA A 273 -3.02 17.15 7.89
C ALA A 273 -4.24 16.62 7.21
N ALA A 274 -5.30 16.28 7.96
CA ALA A 274 -6.54 15.81 7.33
C ALA A 274 -7.09 16.89 6.39
N THR A 275 -6.98 18.14 6.80
CA THR A 275 -7.46 19.26 6.00
C THR A 275 -6.69 19.40 4.71
N ALA A 276 -5.37 19.30 4.78
CA ALA A 276 -4.52 19.33 3.58
C ALA A 276 -4.78 18.11 2.68
N ASP A 277 -4.89 16.92 3.29
CA ASP A 277 -5.16 15.74 2.51
C ASP A 277 -6.48 15.87 1.77
N PHE A 278 -7.50 16.41 2.45
CA PHE A 278 -8.78 16.70 1.84
C PHE A 278 -8.63 17.56 0.58
N VAL A 279 -7.87 18.64 0.72
CA VAL A 279 -7.65 19.53 -0.43
C VAL A 279 -7.05 18.78 -1.57
N ALA A 280 -6.00 17.99 -1.32
CA ALA A 280 -5.33 17.23 -2.38
C ALA A 280 -6.30 16.28 -3.05
N MET A 281 -7.04 15.50 -2.24
CA MET A 281 -7.93 14.51 -2.77
C MET A 281 -9.05 15.12 -3.61
N THR A 282 -9.67 16.16 -3.10
CA THR A 282 -10.77 16.80 -3.80
C THR A 282 -10.32 17.59 -5.02
N ALA A 283 -9.13 18.18 -4.98
CA ALA A 283 -8.59 18.84 -6.16
C ALA A 283 -8.31 17.80 -7.27
N MET A 284 -7.79 16.64 -6.91
CA MET A 284 -7.58 15.57 -7.90
C MET A 284 -8.90 15.10 -8.42
N ALA A 285 -9.87 14.83 -7.52
CA ALA A 285 -11.15 14.36 -7.94
C ALA A 285 -11.80 15.33 -8.92
N ALA A 286 -11.64 16.63 -8.70
CA ALA A 286 -12.27 17.63 -9.57
C ALA A 286 -11.79 17.46 -11.00
N ARG A 287 -10.48 17.35 -11.24
CA ARG A 287 -10.03 17.22 -12.62
C ARG A 287 -10.33 15.87 -13.18
N ILE A 288 -10.29 14.81 -12.37
CA ILE A 288 -10.47 13.44 -12.81
C ILE A 288 -11.92 13.10 -13.17
N PHE A 289 -12.85 13.59 -12.37
CA PHE A 289 -14.25 13.26 -12.62
C PHE A 289 -14.92 14.19 -13.61
N ARG A 290 -14.33 15.33 -13.95
CA ARG A 290 -15.03 16.32 -14.78
C ARG A 290 -15.55 15.78 -16.13
N PRO A 291 -14.81 14.87 -16.79
CA PRO A 291 -15.33 14.35 -18.07
C PRO A 291 -16.62 13.57 -17.93
N TYR A 292 -16.86 13.05 -16.74
CA TYR A 292 -17.90 12.08 -16.48
C TYR A 292 -19.06 12.59 -15.65
N ASP A 293 -18.76 13.39 -14.65
CA ASP A 293 -19.75 13.93 -13.71
C ASP A 293 -19.30 15.32 -13.41
N PRO A 294 -19.57 16.25 -14.32
CA PRO A 294 -19.07 17.58 -14.16
C PRO A 294 -19.65 18.36 -12.97
N GLN A 295 -20.88 18.09 -12.60
CA GLN A 295 -21.44 18.75 -11.45
C GLN A 295 -20.70 18.32 -10.13
N TYR A 296 -20.41 17.05 -10.07
CA TYR A 296 -19.61 16.54 -8.96
C TYR A 296 -18.22 17.15 -8.96
N ALA A 297 -17.59 17.30 -10.13
CA ALA A 297 -16.29 17.89 -10.21
C ALA A 297 -16.28 19.30 -9.67
N GLU A 298 -17.31 20.08 -10.01
CA GLU A 298 -17.39 21.46 -9.50
C GLU A 298 -17.56 21.48 -8.00
N LYS A 299 -18.37 20.55 -7.45
CA LYS A 299 -18.53 20.43 -6.01
C LYS A 299 -17.16 20.17 -5.37
N CYS A 300 -16.39 19.26 -5.96
CA CYS A 300 -15.08 18.90 -5.42
C CYS A 300 -14.16 20.10 -5.39
N ILE A 301 -14.06 20.85 -6.48
CA ILE A 301 -13.08 21.95 -6.49
C ILE A 301 -13.53 23.06 -5.59
N ASN A 302 -14.84 23.33 -5.49
CA ASN A 302 -15.28 24.37 -4.58
C ASN A 302 -14.95 23.99 -3.15
N ALA A 303 -15.11 22.74 -2.77
CA ALA A 303 -14.78 22.28 -1.43
C ALA A 303 -13.31 22.39 -1.17
N ALA A 304 -12.47 21.99 -2.14
CA ALA A 304 -11.02 22.11 -2.01
C ALA A 304 -10.63 23.55 -1.73
N LYS A 305 -11.23 24.50 -2.45
CA LYS A 305 -10.90 25.91 -2.28
C LYS A 305 -11.24 26.39 -0.86
N VAL A 306 -12.36 25.96 -0.30
CA VAL A 306 -12.71 26.39 1.04
C VAL A 306 -11.67 25.93 2.05
N SER A 307 -11.25 24.65 1.96
CA SER A 307 -10.25 24.14 2.91
C SER A 307 -8.88 24.71 2.61
N TYR A 308 -8.52 24.97 1.32
CA TYR A 308 -7.25 25.58 1.04
C TYR A 308 -7.16 26.99 1.64
N GLU A 309 -8.27 27.74 1.53
CA GLU A 309 -8.29 29.07 2.15
C GLU A 309 -8.09 29.01 3.64
N PHE A 310 -8.70 28.07 4.32
CA PHE A 310 -8.44 27.89 5.76
C PHE A 310 -6.98 27.65 5.97
N LEU A 311 -6.34 26.74 5.23
CA LEU A 311 -4.95 26.40 5.38
C LEU A 311 -4.06 27.57 5.17
N LYS A 312 -4.39 28.46 4.19
CA LYS A 312 -3.64 29.66 3.91
C LYS A 312 -3.69 30.57 5.11
N ASN A 313 -4.82 30.74 5.75
CA ASN A 313 -5.02 31.66 6.85
C ASN A 313 -4.56 31.03 8.15
N ASN A 314 -4.28 29.76 8.24
CA ASN A 314 -3.94 29.06 9.47
C ASN A 314 -2.82 28.11 9.17
N PRO A 315 -1.59 28.64 9.09
CA PRO A 315 -0.45 27.85 8.61
C PRO A 315 0.06 26.80 9.55
N ALA A 316 -0.32 26.81 10.83
CA ALA A 316 0.32 25.93 11.84
C ALA A 316 -0.07 24.47 11.65
N ASN A 317 0.83 23.62 12.13
CA ASN A 317 0.55 22.19 12.27
C ASN A 317 -0.36 21.98 13.49
N VAL A 318 -1.45 21.25 13.29
CA VAL A 318 -2.43 20.97 14.33
C VAL A 318 -2.76 19.52 14.34
N PHE A 319 -2.55 18.85 15.47
CA PHE A 319 -2.95 17.46 15.65
C PHE A 319 -4.41 17.36 16.05
N ALA A 320 -5.08 16.30 15.60
CA ALA A 320 -6.45 16.07 16.04
C ALA A 320 -6.54 15.83 17.53
N ASN A 321 -7.54 16.46 18.17
CA ASN A 321 -7.89 16.20 19.55
C ASN A 321 -8.74 14.97 19.64
N GLN A 322 -8.09 13.80 19.65
CA GLN A 322 -8.74 12.52 19.49
C GLN A 322 -8.55 11.57 20.63
N SER A 323 -8.11 12.06 21.74
CA SER A 323 -7.85 11.14 22.87
C SER A 323 -9.09 10.68 23.55
N GLY A 324 -10.26 11.19 23.18
CA GLY A 324 -11.53 10.64 23.67
C GLY A 324 -11.95 9.30 22.85
N PHE A 325 -11.17 8.90 21.95
CA PHE A 325 -11.31 7.74 21.14
C PHE A 325 -10.14 6.83 21.34
N SER A 326 -10.30 5.54 21.12
CA SER A 326 -9.21 4.60 21.24
C SER A 326 -8.99 3.80 19.97
N THR A 327 -9.41 4.29 18.83
CA THR A 327 -9.29 3.65 17.53
C THR A 327 -8.03 4.15 16.83
N GLY A 328 -7.88 3.92 15.54
CA GLY A 328 -6.68 4.33 14.87
C GLY A 328 -6.42 5.82 15.02
N GLU A 329 -5.18 6.20 15.20
CA GLU A 329 -4.82 7.63 15.31
C GLU A 329 -4.45 8.24 13.98
N TYR A 330 -3.63 7.58 13.20
CA TYR A 330 -3.11 8.15 11.95
C TYR A 330 -2.67 9.59 12.18
N ALA A 331 -1.87 9.76 13.21
CA ALA A 331 -1.45 11.11 13.66
C ALA A 331 -0.13 11.44 13.00
N THR A 332 -0.13 11.77 11.73
CA THR A 332 1.06 12.11 11.03
C THR A 332 1.78 13.24 11.77
N VAL A 333 3.10 13.12 11.87
CA VAL A 333 3.84 14.01 12.72
C VAL A 333 3.90 15.42 12.19
N SER A 334 3.84 15.62 10.92
CA SER A 334 3.89 16.90 10.29
C SER A 334 2.91 16.96 9.13
N ASP A 335 2.43 18.20 8.91
CA ASP A 335 1.58 18.50 7.78
C ASP A 335 2.30 19.18 6.66
N ALA A 336 3.62 19.32 6.75
CA ALA A 336 4.34 20.06 5.70
C ALA A 336 4.29 19.34 4.38
N ASP A 337 4.43 18.03 4.41
CA ASP A 337 4.29 17.21 3.22
C ASP A 337 2.86 17.21 2.66
N ASP A 338 1.90 17.15 3.58
CA ASP A 338 0.48 17.16 3.21
C ASP A 338 0.13 18.51 2.50
N ARG A 339 0.65 19.61 3.06
CA ARG A 339 0.41 20.94 2.46
C ARG A 339 1.10 21.07 1.14
N LEU A 340 2.31 20.52 0.96
CA LEU A 340 2.99 20.47 -0.33
C LEU A 340 2.15 19.75 -1.37
N TRP A 341 1.60 18.56 -1.00
CA TRP A 341 0.79 17.79 -1.88
C TRP A 341 -0.48 18.58 -2.26
N ALA A 342 -1.15 19.19 -1.29
CA ALA A 342 -2.32 20.00 -1.57
C ALA A 342 -2.03 21.09 -2.58
N ALA A 343 -0.92 21.80 -2.40
CA ALA A 343 -0.54 22.87 -3.35
C ALA A 343 -0.31 22.31 -4.73
N ALA A 344 0.40 21.18 -4.86
CA ALA A 344 0.66 20.58 -6.14
C ALA A 344 -0.62 20.25 -6.86
N GLU A 345 -1.61 19.69 -6.15
CA GLU A 345 -2.83 19.24 -6.77
C GLU A 345 -3.74 20.43 -7.15
N MET A 346 -3.80 21.43 -6.29
CA MET A 346 -4.50 22.66 -6.66
C MET A 346 -3.90 23.26 -7.93
N TRP A 347 -2.57 23.30 -7.98
CA TRP A 347 -1.93 23.83 -9.14
C TRP A 347 -2.25 22.98 -10.40
N GLU A 348 -2.11 21.67 -10.29
CA GLU A 348 -2.35 20.87 -11.46
C GLU A 348 -3.78 21.01 -11.90
N THR A 349 -4.75 21.07 -11.00
CA THR A 349 -6.14 21.20 -11.42
C THR A 349 -6.48 22.57 -11.97
N LEU A 350 -6.02 23.64 -11.30
CA LEU A 350 -6.40 25.01 -11.62
C LEU A 350 -5.40 25.85 -12.34
N GLY A 351 -4.13 25.66 -12.06
CA GLY A 351 -3.04 26.33 -12.77
C GLY A 351 -2.63 27.67 -12.19
N ASP A 352 -3.30 28.19 -11.19
CA ASP A 352 -3.01 29.55 -10.71
C ASP A 352 -1.59 29.64 -10.20
N GLU A 353 -0.98 30.80 -10.45
CA GLU A 353 0.36 31.09 -9.98
C GLU A 353 0.44 30.96 -8.45
N GLU A 354 -0.59 31.32 -7.71
CA GLU A 354 -0.48 31.22 -6.25
C GLU A 354 -0.19 29.78 -5.84
N TYR A 355 -0.82 28.81 -6.47
CA TYR A 355 -0.61 27.43 -6.07
C TYR A 355 0.75 26.94 -6.46
N LEU A 356 1.20 27.31 -7.65
CA LEU A 356 2.56 26.99 -8.10
C LEU A 356 3.57 27.54 -7.11
N ARG A 357 3.41 28.80 -6.72
CA ARG A 357 4.37 29.45 -5.85
C ARG A 357 4.41 28.74 -4.51
N ASP A 358 3.24 28.39 -3.97
CA ASP A 358 3.20 27.62 -2.72
C ASP A 358 3.94 26.33 -2.83
N PHE A 359 3.63 25.54 -3.88
CA PHE A 359 4.32 24.31 -4.08
C PHE A 359 5.82 24.50 -4.20
N GLU A 360 6.27 25.38 -5.09
CA GLU A 360 7.68 25.47 -5.39
C GLU A 360 8.45 25.94 -4.18
N ASN A 361 7.90 26.88 -3.42
CA ASN A 361 8.55 27.36 -2.21
C ASN A 361 8.67 26.21 -1.21
N ARG A 362 7.65 25.38 -1.07
CA ARG A 362 7.72 24.26 -0.15
C ARG A 362 8.69 23.20 -0.63
N ALA A 363 8.62 22.87 -1.91
CA ALA A 363 9.47 21.79 -2.44
C ALA A 363 10.93 22.07 -2.39
N ALA A 364 11.27 23.35 -2.61
CA ALA A 364 12.68 23.72 -2.68
C ALA A 364 13.35 23.52 -1.40
N GLN A 365 12.63 23.52 -0.27
CA GLN A 365 13.14 23.28 1.02
C GLN A 365 13.36 21.83 1.44
N PHE A 366 12.83 20.87 0.72
CA PHE A 366 13.09 19.45 0.99
C PHE A 366 14.51 19.19 0.58
N SER A 367 15.30 18.70 1.53
CA SER A 367 16.65 18.35 1.28
C SER A 367 16.77 17.15 0.33
N LYS A 368 15.90 16.19 0.54
CA LYS A 368 15.78 15.03 -0.34
C LYS A 368 14.42 15.09 -1.02
N LYS A 369 14.41 15.31 -2.32
CA LYS A 369 13.11 15.60 -2.96
C LYS A 369 12.20 14.37 -3.04
N ILE A 370 12.77 13.22 -3.22
CA ILE A 370 12.04 11.95 -3.33
C ILE A 370 12.56 11.00 -2.25
N GLU A 371 11.61 10.34 -1.55
CA GLU A 371 11.92 9.35 -0.53
C GLU A 371 11.53 7.96 -1.00
N ALA A 372 12.44 7.00 -0.81
CA ALA A 372 12.19 5.63 -1.19
C ALA A 372 11.12 4.96 -0.36
N ASP A 373 11.03 5.28 0.93
CA ASP A 373 10.23 4.61 1.91
C ASP A 373 9.12 5.56 2.36
N PHE A 374 7.92 5.43 1.82
CA PHE A 374 6.86 6.40 2.04
C PHE A 374 5.53 5.71 2.12
N ASP A 375 4.59 6.42 2.78
CA ASP A 375 3.28 5.90 3.18
C ASP A 375 2.46 7.09 3.71
N TRP A 376 1.42 6.82 4.45
CA TRP A 376 0.49 7.87 4.85
C TRP A 376 1.13 9.00 5.64
N ASP A 377 2.20 8.75 6.41
CA ASP A 377 2.82 9.82 7.15
C ASP A 377 3.59 10.81 6.31
N ASN A 378 4.09 10.38 5.16
CA ASN A 378 5.02 11.18 4.37
C ASN A 378 4.61 11.13 2.89
N VAL A 379 3.70 12.04 2.52
CA VAL A 379 3.04 12.02 1.23
C VAL A 379 3.67 12.99 0.21
N ALA A 380 4.78 13.64 0.52
CA ALA A 380 5.32 14.62 -0.42
C ALA A 380 5.60 14.02 -1.77
N ASN A 381 5.99 12.77 -1.88
CA ASN A 381 6.25 12.21 -3.17
C ASN A 381 5.06 12.37 -4.14
N LEU A 382 3.83 12.28 -3.61
CA LEU A 382 2.68 12.41 -4.49
C LEU A 382 2.67 13.78 -5.18
N GLY A 383 2.97 14.84 -4.41
CA GLY A 383 3.05 16.16 -5.02
C GLY A 383 4.18 16.32 -5.96
N MET A 384 5.34 15.75 -5.62
CA MET A 384 6.49 15.76 -6.53
C MET A 384 6.15 15.09 -7.83
N PHE A 385 5.47 13.96 -7.80
CA PHE A 385 5.08 13.24 -9.00
C PHE A 385 4.14 14.09 -9.85
N THR A 386 3.12 14.66 -9.24
CA THR A 386 2.16 15.48 -9.98
C THR A 386 2.85 16.63 -10.64
N TYR A 387 3.70 17.34 -9.89
CA TYR A 387 4.44 18.47 -10.43
C TYR A 387 5.32 18.06 -11.57
N LEU A 388 6.14 16.99 -11.40
CA LEU A 388 7.07 16.63 -12.42
C LEU A 388 6.38 16.23 -13.71
N LEU A 389 5.28 15.49 -13.64
CA LEU A 389 4.64 15.00 -14.82
C LEU A 389 3.63 15.98 -15.46
N SER A 390 3.36 17.10 -14.80
CA SER A 390 2.44 18.06 -15.39
C SER A 390 2.89 18.56 -16.71
N GLU A 391 1.95 18.72 -17.65
CA GLU A 391 2.23 19.36 -18.92
C GLU A 391 2.12 20.87 -18.86
N ARG A 392 1.78 21.47 -17.73
CA ARG A 392 1.65 22.88 -17.64
C ARG A 392 2.98 23.59 -17.79
N PRO A 393 2.97 24.78 -18.42
CA PRO A 393 4.18 25.63 -18.46
C PRO A 393 4.43 26.31 -17.15
N GLY A 394 5.56 26.98 -17.06
CA GLY A 394 5.85 27.87 -15.96
C GLY A 394 6.62 27.28 -14.78
N LYS A 395 6.95 26.02 -14.80
CA LYS A 395 7.68 25.42 -13.70
C LYS A 395 9.11 25.97 -13.68
N ASN A 396 9.67 26.16 -12.52
CA ASN A 396 11.07 26.58 -12.42
C ASN A 396 11.98 25.51 -12.96
N PRO A 397 12.85 25.82 -13.94
CA PRO A 397 13.63 24.73 -14.52
C PRO A 397 14.54 24.06 -13.55
N ALA A 398 15.19 24.81 -12.66
CA ALA A 398 16.13 24.24 -11.71
C ALA A 398 15.39 23.33 -10.74
N LEU A 399 14.24 23.70 -10.24
CA LEU A 399 13.52 22.82 -9.30
C LEU A 399 13.10 21.56 -10.00
N VAL A 400 12.61 21.63 -11.22
CA VAL A 400 12.30 20.44 -11.97
C VAL A 400 13.51 19.50 -12.02
N GLN A 401 14.68 20.06 -12.35
CA GLN A 401 15.84 19.24 -12.45
C GLN A 401 16.26 18.62 -11.14
N SER A 402 16.12 19.33 -10.04
CA SER A 402 16.50 18.75 -8.76
C SER A 402 15.56 17.64 -8.36
N ILE A 403 14.26 17.81 -8.62
CA ILE A 403 13.32 16.72 -8.34
C ILE A 403 13.61 15.53 -9.22
N LYS A 404 13.82 15.77 -10.52
CA LYS A 404 14.14 14.73 -11.45
C LYS A 404 15.37 13.91 -11.02
N ASP A 405 16.45 14.63 -10.61
CA ASP A 405 17.66 13.95 -10.21
C ASP A 405 17.42 13.08 -8.98
N SER A 406 16.66 13.61 -8.04
CA SER A 406 16.33 12.82 -6.86
C SER A 406 15.48 11.60 -7.20
N LEU A 407 14.51 11.76 -8.08
CA LEU A 407 13.69 10.65 -8.53
C LEU A 407 14.52 9.56 -9.14
N LEU A 408 15.40 9.91 -10.09
CA LEU A 408 16.17 8.93 -10.79
C LEU A 408 17.20 8.30 -9.88
N SER A 409 17.84 9.06 -9.00
CA SER A 409 18.76 8.52 -8.00
CA SER A 409 18.77 8.44 -8.06
C SER A 409 18.09 7.51 -7.10
N THR A 410 16.89 7.85 -6.63
CA THR A 410 16.16 6.99 -5.74
C THR A 410 15.73 5.72 -6.48
N ALA A 411 15.20 5.85 -7.68
CA ALA A 411 14.82 4.70 -8.48
C ALA A 411 16.03 3.81 -8.69
N ASP A 412 17.18 4.39 -9.02
CA ASP A 412 18.41 3.59 -9.24
C ASP A 412 18.78 2.82 -7.98
N SER A 413 18.63 3.46 -6.80
CA SER A 413 18.89 2.80 -5.51
C SER A 413 17.95 1.65 -5.27
N ILE A 414 16.67 1.78 -5.63
CA ILE A 414 15.72 0.69 -5.48
C ILE A 414 16.07 -0.46 -6.40
N VAL A 415 16.45 -0.16 -7.62
CA VAL A 415 16.93 -1.21 -8.52
C VAL A 415 18.09 -1.94 -7.90
N ARG A 416 19.09 -1.25 -7.36
CA ARG A 416 20.22 -1.94 -6.73
C ARG A 416 19.79 -2.76 -5.56
N THR A 417 18.89 -2.25 -4.74
CA THR A 417 18.44 -2.97 -3.56
C THR A 417 17.82 -4.29 -3.99
N SER A 418 16.91 -4.23 -4.97
CA SER A 418 16.22 -5.45 -5.44
C SER A 418 17.14 -6.40 -6.09
N GLN A 419 18.12 -5.94 -6.85
CA GLN A 419 19.11 -6.83 -7.47
C GLN A 419 19.97 -7.54 -6.50
N ASN A 420 20.25 -6.90 -5.36
CA ASN A 420 21.13 -7.43 -4.34
C ASN A 420 20.46 -8.19 -3.25
N HIS A 421 19.14 -8.27 -3.26
CA HIS A 421 18.33 -9.02 -2.29
C HIS A 421 18.05 -10.36 -2.88
N GLY A 422 18.16 -11.43 -2.04
CA GLY A 422 17.96 -12.76 -2.51
C GLY A 422 16.59 -13.13 -2.99
N TYR A 423 15.59 -12.30 -2.72
CA TYR A 423 14.22 -12.48 -3.14
C TYR A 423 13.71 -11.29 -3.94
N GLY A 424 14.61 -10.40 -4.38
CA GLY A 424 14.19 -9.28 -5.16
C GLY A 424 13.39 -8.23 -4.41
N ARG A 425 13.50 -8.16 -3.09
CA ARG A 425 12.70 -7.27 -2.30
C ARG A 425 13.24 -5.84 -2.45
N THR A 426 12.39 -4.95 -3.00
CA THR A 426 12.75 -3.56 -3.29
C THR A 426 13.08 -2.78 -2.04
N LEU A 427 12.48 -3.15 -0.90
CA LEU A 427 12.62 -2.49 0.38
C LEU A 427 13.77 -3.14 1.20
N GLY A 428 14.51 -4.06 0.61
CA GLY A 428 15.75 -4.52 1.22
C GLY A 428 15.52 -5.25 2.54
N THR A 429 16.25 -4.79 3.55
CA THR A 429 16.17 -5.37 4.88
C THR A 429 15.30 -4.56 5.85
N THR A 430 14.51 -3.64 5.33
CA THR A 430 13.69 -2.79 6.19
C THR A 430 12.33 -3.45 6.45
N TYR A 431 11.99 -3.65 7.72
CA TYR A 431 10.73 -4.26 8.12
C TYR A 431 10.12 -3.48 9.24
N TYR A 432 8.82 -3.20 9.12
CA TYR A 432 8.04 -2.48 10.06
C TYR A 432 6.56 -2.76 9.75
N TRP A 433 5.69 -2.31 10.68
CA TRP A 433 4.26 -2.52 10.54
C TRP A 433 3.78 -1.89 9.23
N GLY A 434 3.21 -2.68 8.33
CA GLY A 434 2.74 -2.18 7.09
C GLY A 434 3.74 -2.21 5.93
N CYS A 435 4.91 -2.77 6.16
CA CYS A 435 5.95 -2.70 5.15
C CYS A 435 5.62 -3.42 3.84
N ASN A 436 4.73 -4.42 3.83
CA ASN A 436 4.37 -5.01 2.57
C ASN A 436 3.76 -3.98 1.62
N GLY A 437 2.94 -3.07 2.19
CA GLY A 437 2.38 -2.02 1.38
C GLY A 437 3.43 -1.16 0.74
N THR A 438 4.48 -0.85 1.48
CA THR A 438 5.56 -0.01 0.94
C THR A 438 6.32 -0.74 -0.15
N VAL A 439 6.55 -2.05 -0.03
CA VAL A 439 7.23 -2.79 -1.08
C VAL A 439 6.57 -2.49 -2.43
N VAL A 440 5.24 -2.66 -2.52
CA VAL A 440 4.56 -2.37 -3.78
C VAL A 440 4.36 -0.88 -4.04
N ARG A 441 4.28 -0.04 -3.02
CA ARG A 441 4.15 1.39 -3.23
C ARG A 441 5.38 1.95 -3.93
N GLN A 442 6.54 1.29 -3.76
CA GLN A 442 7.75 1.74 -4.41
C GLN A 442 7.64 1.67 -5.92
N THR A 443 6.71 0.88 -6.48
CA THR A 443 6.48 0.89 -7.89
C THR A 443 6.10 2.26 -8.42
N MET A 444 5.53 3.14 -7.58
CA MET A 444 5.25 4.49 -8.05
C MET A 444 6.53 5.23 -8.45
N ILE A 445 7.56 5.14 -7.58
CA ILE A 445 8.82 5.78 -7.89
C ILE A 445 9.40 5.23 -9.18
N LEU A 446 9.36 3.89 -9.30
CA LEU A 446 9.94 3.22 -10.46
C LEU A 446 9.21 3.56 -11.74
N GLN A 447 7.85 3.61 -11.68
CA GLN A 447 7.09 3.90 -12.86
C GLN A 447 7.19 5.34 -13.28
N VAL A 448 7.22 6.26 -12.32
CA VAL A 448 7.43 7.68 -12.66
C VAL A 448 8.83 7.85 -13.23
N ALA A 449 9.83 7.22 -12.64
CA ALA A 449 11.19 7.29 -13.20
C ALA A 449 11.19 6.80 -14.63
N ASN A 450 10.49 5.70 -14.91
CA ASN A 450 10.46 5.17 -16.26
C ASN A 450 9.75 6.07 -17.26
N LYS A 451 8.77 6.86 -16.82
CA LYS A 451 8.18 7.88 -17.68
C LYS A 451 9.18 8.99 -18.04
N ILE A 452 9.97 9.38 -17.09
CA ILE A 452 10.93 10.50 -17.24
C ILE A 452 12.15 10.04 -17.98
N SER A 453 12.62 8.86 -17.71
CA SER A 453 13.84 8.32 -18.31
C SER A 453 13.65 6.83 -18.54
N PRO A 454 13.07 6.45 -19.67
CA PRO A 454 12.74 5.07 -19.92
C PRO A 454 13.89 4.13 -19.64
N ASN A 455 13.67 3.09 -18.87
CA ASN A 455 14.72 2.17 -18.49
C ASN A 455 14.06 0.89 -18.05
N ASN A 456 14.30 -0.20 -18.77
CA ASN A 456 13.76 -1.45 -18.46
C ASN A 456 14.10 -1.95 -17.05
N ASP A 457 15.22 -1.50 -16.51
CA ASP A 457 15.55 -1.88 -15.14
C ASP A 457 14.53 -1.40 -14.16
N TYR A 458 13.93 -0.20 -14.37
CA TYR A 458 12.92 0.30 -13.48
C TYR A 458 11.67 -0.57 -13.52
N VAL A 459 11.24 -0.93 -14.71
CA VAL A 459 10.03 -1.74 -14.88
C VAL A 459 10.25 -3.13 -14.28
N ASN A 460 11.41 -3.74 -14.56
CA ASN A 460 11.73 -5.03 -13.98
C ASN A 460 11.79 -4.97 -12.46
N ALA A 461 12.29 -3.88 -11.88
CA ALA A 461 12.31 -3.74 -10.42
C ALA A 461 10.91 -3.62 -9.88
N ALA A 462 10.00 -2.96 -10.62
CA ALA A 462 8.61 -2.93 -10.19
C ALA A 462 8.01 -4.34 -10.14
N LEU A 463 8.35 -5.14 -11.16
CA LEU A 463 7.93 -6.52 -11.22
C LEU A 463 8.60 -7.37 -10.15
N ASP A 464 9.76 -6.99 -9.65
CA ASP A 464 10.36 -7.64 -8.49
C ASP A 464 9.55 -7.38 -7.22
N ALA A 465 9.08 -6.14 -7.04
CA ALA A 465 8.23 -5.84 -5.89
C ALA A 465 6.98 -6.68 -5.90
N ILE A 466 6.33 -6.75 -7.09
CA ILE A 466 5.12 -7.56 -7.26
C ILE A 466 5.40 -9.03 -6.99
N SER A 467 6.48 -9.54 -7.61
CA SER A 467 6.83 -10.93 -7.38
C SER A 467 7.07 -11.25 -5.95
N HIS A 468 7.65 -10.33 -5.20
CA HIS A 468 7.96 -10.57 -3.81
C HIS A 468 6.71 -10.82 -3.00
N VAL A 469 5.63 -10.06 -3.25
CA VAL A 469 4.37 -10.24 -2.50
C VAL A 469 3.52 -11.37 -3.00
N PHE A 470 3.90 -12.00 -4.11
CA PHE A 470 3.16 -13.13 -4.70
C PHE A 470 3.91 -14.44 -4.60
N GLY A 471 4.98 -14.52 -3.83
CA GLY A 471 5.57 -15.80 -3.49
C GLY A 471 7.07 -15.89 -3.62
N ARG A 472 7.75 -14.93 -4.28
CA ARG A 472 9.20 -14.92 -4.28
C ARG A 472 9.66 -14.28 -2.98
N ASN A 473 9.55 -15.05 -1.89
CA ASN A 473 9.84 -14.54 -0.56
C ASN A 473 10.18 -15.76 0.31
N TYR A 474 10.74 -15.48 1.46
CA TYR A 474 11.15 -16.54 2.40
C TYR A 474 10.08 -17.54 2.72
N TYR A 475 8.86 -17.04 2.86
CA TYR A 475 7.74 -17.86 3.28
C TYR A 475 7.22 -18.80 2.19
N ASN A 476 7.51 -18.48 0.91
CA ASN A 476 6.89 -19.10 -0.22
C ASN A 476 5.37 -18.98 -0.20
N ARG A 477 4.91 -17.76 0.07
CA ARG A 477 3.48 -17.51 0.17
C ARG A 477 3.10 -16.21 -0.50
N SER A 478 1.95 -16.18 -1.17
CA SER A 478 1.30 -14.95 -1.48
C SER A 478 0.90 -14.23 -0.19
N TYR A 479 1.06 -12.89 -0.22
CA TYR A 479 0.63 -12.04 0.87
C TYR A 479 -0.75 -11.46 0.64
N VAL A 480 -1.45 -11.90 -0.38
CA VAL A 480 -2.74 -11.32 -0.78
C VAL A 480 -3.82 -12.38 -0.67
N THR A 481 -4.83 -12.10 0.18
CA THR A 481 -5.89 -13.08 0.37
C THR A 481 -6.53 -13.47 -0.95
N GLY A 482 -6.77 -14.77 -1.10
CA GLY A 482 -7.50 -15.27 -2.23
C GLY A 482 -6.68 -15.43 -3.53
N LEU A 483 -5.39 -15.12 -3.51
CA LEU A 483 -4.60 -15.12 -4.72
C LEU A 483 -3.31 -15.91 -4.51
N GLY A 484 -2.89 -16.61 -5.53
CA GLY A 484 -1.56 -17.21 -5.54
C GLY A 484 -1.39 -18.36 -4.59
N ILE A 485 -0.13 -18.66 -4.29
CA ILE A 485 0.23 -19.84 -3.52
C ILE A 485 0.01 -19.58 -2.05
N ASN A 486 -0.75 -20.48 -1.39
CA ASN A 486 -0.91 -20.50 0.06
C ASN A 486 -1.11 -19.09 0.62
N PRO A 487 -2.17 -18.41 0.20
CA PRO A 487 -2.39 -17.02 0.64
C PRO A 487 -2.73 -16.97 2.10
N PRO A 488 -2.72 -15.76 2.69
CA PRO A 488 -3.10 -15.61 4.09
C PRO A 488 -4.51 -16.09 4.31
N MET A 489 -4.71 -16.87 5.39
CA MET A 489 -6.01 -17.40 5.72
C MET A 489 -6.67 -16.76 6.89
N ASN A 490 -5.90 -16.08 7.73
CA ASN A 490 -6.35 -15.61 9.08
C ASN A 490 -6.06 -14.16 9.30
N PRO A 491 -6.38 -13.25 8.36
CA PRO A 491 -6.09 -11.81 8.60
C PRO A 491 -6.83 -11.34 9.83
N HIS A 492 -6.27 -10.29 10.43
CA HIS A 492 -6.93 -9.54 11.48
C HIS A 492 -7.97 -8.63 10.83
N ASP A 493 -9.16 -9.23 10.60
CA ASP A 493 -10.19 -8.66 9.76
C ASP A 493 -11.53 -9.10 10.30
N ARG A 494 -12.37 -8.16 10.71
CA ARG A 494 -13.61 -8.50 11.40
C ARG A 494 -14.59 -9.27 10.50
N ARG A 495 -14.76 -8.90 9.24
CA ARG A 495 -15.67 -9.68 8.37
C ARG A 495 -15.22 -11.10 8.28
N SER A 496 -13.91 -11.31 8.06
CA SER A 496 -13.39 -12.65 7.94
C SER A 496 -13.57 -13.44 9.17
N GLY A 497 -13.41 -12.83 10.35
CA GLY A 497 -13.59 -13.55 11.59
C GLY A 497 -15.00 -13.77 12.00
N ALA A 498 -15.96 -13.02 11.49
CA ALA A 498 -17.31 -13.03 11.97
C ALA A 498 -18.32 -13.74 11.05
N ASP A 499 -17.93 -14.09 9.87
CA ASP A 499 -18.82 -14.64 8.87
C ASP A 499 -18.91 -16.14 8.99
N GLY A 500 -19.59 -16.77 8.02
CA GLY A 500 -19.60 -18.26 8.08
C GLY A 500 -18.70 -18.99 7.12
N ILE A 501 -17.63 -18.33 6.67
CA ILE A 501 -16.86 -18.80 5.51
C ILE A 501 -15.46 -19.13 5.94
N TRP A 502 -14.92 -20.28 5.53
CA TRP A 502 -13.56 -20.67 5.94
C TRP A 502 -12.51 -19.74 5.40
N GLU A 503 -12.55 -19.48 4.11
CA GLU A 503 -11.57 -18.57 3.46
C GLU A 503 -11.89 -17.13 3.84
N PRO A 504 -10.87 -16.32 4.10
CA PRO A 504 -11.11 -14.91 4.44
C PRO A 504 -11.61 -14.13 3.22
N TRP A 505 -12.05 -12.92 3.48
CA TRP A 505 -12.50 -12.06 2.38
C TRP A 505 -11.33 -11.81 1.44
N PRO A 506 -11.59 -11.77 0.14
CA PRO A 506 -10.52 -11.84 -0.89
C PRO A 506 -9.99 -10.45 -1.30
N GLY A 507 -8.74 -10.53 -1.77
CA GLY A 507 -8.10 -9.41 -2.45
C GLY A 507 -7.31 -8.45 -1.56
N TYR A 508 -6.92 -8.84 -0.35
CA TYR A 508 -6.23 -7.96 0.56
C TYR A 508 -4.80 -8.31 0.79
N LEU A 509 -3.93 -7.30 0.60
CA LEU A 509 -2.50 -7.41 0.96
C LEU A 509 -2.35 -7.23 2.46
N VAL A 510 -1.83 -8.25 3.17
CA VAL A 510 -1.63 -8.11 4.58
C VAL A 510 -0.41 -7.24 4.87
N GLY A 511 -0.34 -6.70 6.10
CA GLY A 511 0.65 -5.69 6.37
C GLY A 511 2.08 -6.13 6.34
N GLY A 512 2.35 -7.35 6.84
CA GLY A 512 3.64 -7.95 6.78
C GLY A 512 4.34 -8.11 8.09
N GLY A 513 5.26 -9.07 8.12
CA GLY A 513 6.06 -9.30 9.27
C GLY A 513 7.10 -8.24 9.55
N TRP A 514 7.49 -8.17 10.82
CA TRP A 514 8.51 -7.32 11.35
C TRP A 514 8.68 -7.71 12.80
N PRO A 515 9.83 -7.38 13.45
CA PRO A 515 10.97 -6.71 12.91
C PRO A 515 11.85 -7.43 11.94
N GLY A 516 11.72 -8.74 11.83
CA GLY A 516 12.60 -9.53 10.94
C GLY A 516 11.85 -10.07 9.76
N PRO A 517 12.66 -10.65 8.85
CA PRO A 517 12.17 -11.17 7.58
C PRO A 517 11.39 -12.47 7.67
N LYS A 518 11.34 -13.07 8.88
CA LYS A 518 10.65 -14.32 9.14
C LYS A 518 9.52 -14.14 10.14
N ASP A 519 9.18 -12.91 10.52
CA ASP A 519 8.29 -12.63 11.64
C ASP A 519 6.80 -12.48 11.29
N TRP A 520 6.40 -12.69 10.04
CA TRP A 520 4.96 -12.69 9.71
C TRP A 520 4.33 -13.87 10.36
N VAL A 521 3.15 -13.68 10.98
CA VAL A 521 2.36 -14.82 11.50
CA VAL A 521 2.34 -14.79 11.54
C VAL A 521 0.93 -14.66 10.99
N ASP A 522 0.48 -15.68 10.25
CA ASP A 522 -0.86 -15.72 9.67
C ASP A 522 -1.83 -16.23 10.69
N ILE A 523 -2.15 -15.39 11.66
CA ILE A 523 -3.05 -15.72 12.78
C ILE A 523 -3.92 -14.47 13.01
N GLN A 524 -5.18 -14.67 13.37
CA GLN A 524 -6.11 -13.52 13.43
C GLN A 524 -5.70 -12.53 14.47
N ASP A 525 -5.11 -12.96 15.58
CA ASP A 525 -4.68 -12.11 16.67
CA ASP A 525 -4.79 -12.01 16.60
C ASP A 525 -3.56 -11.16 16.29
N SER A 526 -2.82 -11.45 15.20
CA SER A 526 -1.67 -10.64 14.85
C SER A 526 -2.08 -9.42 14.04
N TYR A 527 -2.60 -8.41 14.72
CA TYR A 527 -2.83 -7.14 14.03
C TYR A 527 -1.53 -6.48 13.64
N GLN A 528 -0.43 -6.85 14.32
CA GLN A 528 0.83 -6.25 14.03
C GLN A 528 1.43 -6.66 12.70
N THR A 529 1.16 -7.93 12.26
CA THR A 529 1.71 -8.43 11.04
C THR A 529 0.70 -8.87 9.99
N ASN A 530 -0.57 -8.98 10.36
CA ASN A 530 -1.55 -9.69 9.54
C ASN A 530 -2.86 -8.96 9.45
N GLU A 531 -2.89 -7.66 9.65
CA GLU A 531 -4.05 -6.86 9.35
C GLU A 531 -4.14 -6.62 7.84
N ILE A 532 -5.23 -6.01 7.39
CA ILE A 532 -5.43 -5.48 6.04
C ILE A 532 -5.53 -3.98 6.15
N ALA A 533 -5.51 -3.28 5.01
CA ALA A 533 -5.64 -1.84 5.05
C ALA A 533 -5.85 -1.28 3.67
N ILE A 534 -6.64 -0.21 3.56
CA ILE A 534 -6.85 0.45 2.30
C ILE A 534 -5.53 0.98 1.70
N ASN A 535 -4.60 1.46 2.53
CA ASN A 535 -3.40 2.01 1.98
C ASN A 535 -2.48 0.95 1.39
N TRP A 536 -2.55 -0.28 1.93
CA TRP A 536 -1.80 -1.39 1.42
C TRP A 536 -2.39 -1.88 0.10
N ASN A 537 -3.73 -2.02 0.09
CA ASN A 537 -4.38 -2.37 -1.17
C ASN A 537 -4.17 -1.32 -2.24
N ALA A 538 -4.21 -0.03 -1.90
CA ALA A 538 -3.98 0.98 -2.92
C ALA A 538 -2.64 0.86 -3.57
N ALA A 539 -1.60 0.56 -2.76
CA ALA A 539 -0.27 0.38 -3.29
C ALA A 539 -0.21 -0.81 -4.23
N LEU A 540 -0.85 -1.91 -3.85
CA LEU A 540 -0.93 -3.06 -4.71
C LEU A 540 -1.66 -2.75 -6.02
N ILE A 541 -2.75 -2.01 -5.91
CA ILE A 541 -3.53 -1.59 -7.06
C ILE A 541 -2.69 -0.75 -8.01
N TYR A 542 -1.92 0.20 -7.49
CA TYR A 542 -1.04 0.98 -8.36
C TYR A 542 -0.04 0.07 -9.06
N ALA A 543 0.59 -0.83 -8.28
CA ALA A 543 1.61 -1.69 -8.81
C ALA A 543 1.05 -2.54 -9.96
N LEU A 544 -0.12 -3.13 -9.75
CA LEU A 544 -0.70 -3.99 -10.78
C LEU A 544 -1.28 -3.20 -11.95
N ALA A 545 -1.78 -2.01 -11.69
CA ALA A 545 -2.44 -1.17 -12.72
C ALA A 545 -1.54 -0.95 -13.92
N GLY A 546 -0.22 -0.77 -13.65
CA GLY A 546 0.69 -0.52 -14.77
C GLY A 546 0.82 -1.67 -15.73
N PHE A 547 0.36 -2.87 -15.30
CA PHE A 547 0.46 -4.07 -16.08
C PHE A 547 -0.91 -4.56 -16.56
N VAL A 548 -1.93 -3.70 -16.50
CA VAL A 548 -3.23 -4.00 -17.06
C VAL A 548 -3.29 -3.47 -18.47
N ASN A 549 -3.84 -4.23 -19.42
CA ASN A 549 -3.89 -3.78 -20.83
C ASN A 549 -2.48 -3.30 -21.28
N TYR A 550 -1.51 -4.11 -20.91
CA TYR A 550 -0.10 -3.75 -21.09
C TYR A 550 0.44 -4.18 -22.40
N ASN A 551 1.27 -3.35 -22.98
CA ASN A 551 2.25 -3.79 -24.11
C ASN A 551 3.83 -3.55 -24.00
N VAL B 13 20.54 0.08 32.04
CA VAL B 13 19.21 -0.50 32.51
C VAL B 13 18.60 -1.59 31.63
N LYS B 14 17.61 -2.33 32.14
CA LYS B 14 16.91 -3.42 31.40
C LYS B 14 15.73 -2.93 30.55
N VAL B 15 15.77 -3.33 29.28
CA VAL B 15 14.61 -3.22 28.36
C VAL B 15 13.86 -4.55 28.29
N LYS B 16 12.63 -4.54 28.76
CA LYS B 16 11.75 -5.70 28.69
C LYS B 16 10.94 -5.62 27.39
N PHE B 17 10.85 -6.75 26.71
CA PHE B 17 10.19 -6.80 25.39
C PHE B 17 9.76 -8.22 25.17
N VAL B 18 8.77 -8.39 24.31
CA VAL B 18 8.20 -9.70 24.01
C VAL B 18 8.71 -10.11 22.61
N SER B 19 9.20 -11.33 22.49
CA SER B 19 9.66 -11.87 21.19
C SER B 19 9.34 -13.36 21.05
N SER B 20 8.74 -13.81 19.92
CA SER B 20 8.45 -15.19 19.66
C SER B 20 7.62 -15.79 20.84
N GLY B 21 6.70 -14.96 21.35
CA GLY B 21 5.87 -15.28 22.54
C GLY B 21 6.50 -15.43 23.92
N GLU B 22 7.74 -14.96 24.09
CA GLU B 22 8.47 -15.06 25.39
C GLU B 22 8.84 -13.67 25.92
N GLU B 23 8.56 -13.34 27.18
CA GLU B 23 9.10 -12.14 27.80
C GLU B 23 10.65 -12.27 27.81
N LYS B 24 11.34 -11.22 27.40
CA LYS B 24 12.79 -11.22 27.19
C LYS B 24 13.23 -9.95 27.82
N GLU B 25 14.51 -9.88 28.14
CA GLU B 25 15.10 -8.62 28.63
C GLU B 25 16.47 -8.46 28.06
N VAL B 26 16.91 -7.23 27.90
CA VAL B 26 18.25 -6.93 27.35
C VAL B 26 18.69 -5.66 28.03
N ASP B 27 19.94 -5.62 28.44
CA ASP B 27 20.38 -4.40 29.02
C ASP B 27 20.68 -3.41 27.84
N THR B 28 20.43 -2.10 27.98
CA THR B 28 20.76 -1.16 26.86
C THR B 28 22.24 -1.12 26.58
N SER B 29 23.18 -1.50 27.52
CA SER B 29 24.62 -1.49 27.17
C SER B 29 24.87 -2.38 25.92
N LYS B 30 24.04 -3.54 25.80
CA LYS B 30 24.28 -4.54 24.77
C LYS B 30 23.46 -4.14 23.41
N ILE B 31 22.68 -3.06 23.54
CA ILE B 31 21.89 -2.50 22.38
C ILE B 31 22.76 -1.76 21.38
N LYS B 32 22.64 -2.05 20.10
CA LYS B 32 23.53 -1.60 19.06
C LYS B 32 22.90 -0.42 18.31
N LYS B 33 21.81 -0.76 17.61
CA LYS B 33 21.05 0.21 16.78
C LYS B 33 19.73 0.47 17.42
N VAL B 34 19.28 1.71 17.31
CA VAL B 34 17.94 2.10 17.81
C VAL B 34 17.31 3.06 16.83
N TRP B 35 16.01 2.88 16.56
CA TRP B 35 15.34 3.77 15.58
C TRP B 35 13.84 3.70 15.84
N ARG B 36 13.11 4.60 15.19
CA ARG B 36 11.69 4.66 15.39
C ARG B 36 10.87 4.39 14.13
N ASN B 37 9.64 3.90 14.35
CA ASN B 37 8.60 3.85 13.36
C ASN B 37 7.38 4.54 13.91
N LEU B 38 6.61 5.20 13.05
CA LEU B 38 5.29 5.70 13.37
C LEU B 38 4.29 4.64 12.83
N THR B 39 3.42 4.15 13.68
CA THR B 39 2.34 3.27 13.30
C THR B 39 1.03 4.06 13.30
N LYS B 40 -0.07 3.39 12.94
CA LYS B 40 -1.36 4.04 13.01
C LYS B 40 -1.77 4.34 14.44
N TYR B 41 -1.08 3.83 15.46
CA TYR B 41 -1.40 4.07 16.85
C TYR B 41 -0.39 4.95 17.57
N GLY B 42 0.83 5.05 17.16
CA GLY B 42 1.86 5.75 17.90
C GLY B 42 3.24 5.30 17.48
N THR B 43 4.23 5.62 18.30
CA THR B 43 5.58 5.33 17.98
C THR B 43 6.03 4.00 18.54
N ILE B 44 6.77 3.26 17.71
CA ILE B 44 7.51 2.04 18.10
C ILE B 44 8.99 2.35 18.07
N VAL B 45 9.71 1.91 19.07
CA VAL B 45 11.15 1.99 19.14
C VAL B 45 11.68 0.60 18.86
N GLN B 46 12.31 0.46 17.66
CA GLN B 46 13.02 -0.77 17.28
C GLN B 46 14.47 -0.72 17.69
N PHE B 47 15.04 -1.88 17.95
CA PHE B 47 16.45 -1.95 18.27
C PHE B 47 17.02 -3.31 17.86
N THR B 48 18.35 -3.32 17.80
CA THR B 48 19.09 -4.57 17.68
C THR B 48 20.04 -4.65 18.84
N TYR B 49 20.50 -5.84 19.11
CA TYR B 49 21.42 -6.03 20.23
C TYR B 49 22.26 -7.26 19.95
N ASP B 50 23.30 -7.46 20.78
CA ASP B 50 24.15 -8.67 20.56
C ASP B 50 23.59 -9.99 21.15
N GLY B 56 20.21 -10.06 17.92
CA GLY B 56 18.82 -10.03 18.23
C GLY B 56 18.18 -8.72 17.82
N ARG B 57 16.88 -8.90 17.66
CA ARG B 57 15.96 -7.78 17.33
C ARG B 57 14.91 -7.70 18.40
N GLY B 58 14.44 -6.48 18.65
CA GLY B 58 13.29 -6.25 19.48
C GLY B 58 12.70 -4.91 19.24
N TYR B 59 11.57 -4.68 19.88
CA TYR B 59 10.91 -3.42 19.87
C TYR B 59 10.13 -3.22 21.14
N VAL B 60 9.84 -1.95 21.44
CA VAL B 60 8.88 -1.57 22.46
C VAL B 60 8.06 -0.40 21.93
N ARG B 61 6.88 -0.26 22.48
CA ARG B 61 6.13 0.97 22.29
C ARG B 61 6.88 2.10 23.00
N GLU B 62 6.84 3.32 22.42
CA GLU B 62 7.55 4.46 23.04
C GLU B 62 7.17 4.63 24.47
N LEU B 63 5.86 4.50 24.77
CA LEU B 63 5.40 4.75 26.12
C LEU B 63 5.88 3.68 27.13
N ASP B 64 6.38 2.51 26.67
CA ASP B 64 6.98 1.41 27.48
C ASP B 64 8.48 1.46 27.52
N ALA B 65 9.09 2.41 26.86
CA ALA B 65 10.58 2.52 26.76
C ALA B 65 11.18 3.24 27.99
N PRO B 66 12.29 2.69 28.50
CA PRO B 66 12.92 3.43 29.63
C PRO B 66 13.59 4.64 29.02
N LYS B 67 13.61 5.73 29.76
CA LYS B 67 14.15 6.98 29.23
C LYS B 67 15.55 6.79 28.58
N GLU B 68 16.27 5.58 29.03
CA GLU B 68 17.67 5.48 28.67
C GLU B 68 17.63 5.03 27.24
N LEU B 69 16.65 4.20 26.94
CA LEU B 69 16.46 3.80 25.53
C LEU B 69 16.07 4.99 24.67
N LEU B 70 15.20 5.83 25.23
CA LEU B 70 14.76 7.05 24.50
C LEU B 70 15.95 8.04 24.35
N ASP B 71 16.83 8.11 25.36
CA ASP B 71 18.05 8.88 25.15
C ASP B 71 18.88 8.34 23.99
N MET B 72 19.07 7.05 23.98
CA MET B 72 19.83 6.45 22.90
C MET B 72 19.17 6.74 21.54
N LEU B 73 17.83 6.65 21.45
CA LEU B 73 17.17 7.00 20.23
C LEU B 73 17.47 8.46 19.83
N ALA B 74 17.43 9.39 20.80
CA ALA B 74 17.62 10.78 20.46
C ALA B 74 19.05 11.07 19.91
N ARG B 75 20.05 10.38 20.50
CA ARG B 75 21.47 10.48 20.06
C ARG B 75 21.60 9.87 18.70
N ALA B 76 20.92 8.73 18.44
CA ALA B 76 21.11 8.09 17.12
C ALA B 76 20.50 9.03 16.08
N GLU B 77 19.39 9.65 16.46
CA GLU B 77 18.76 10.65 15.63
C GLU B 77 19.57 11.93 15.70
CA CA C . 2.67 14.14 6.96
CA CA D . -19.13 2.39 -14.38
CA CA E . -14.42 -16.48 7.92
ZN ZN F . -19.75 0.25 7.55
C1 GOL G . -1.43 26.70 2.73
O1 GOL G . -1.04 25.41 3.29
C2 GOL G . -0.35 27.75 2.79
O2 GOL G . 0.72 27.37 2.13
C3 GOL G . 0.00 28.05 4.36
O3 GOL G . 1.02 29.11 4.34
C1 GOL H . -27.12 -0.63 10.14
O1 GOL H . -28.31 0.10 9.80
C2 GOL H . -26.48 -0.09 11.32
O2 GOL H . -26.08 1.24 11.01
C3 GOL H . -25.45 -0.91 11.94
O3 GOL H . -24.28 -1.05 11.11
C1 GOL I . -6.03 -3.78 15.30
O1 GOL I . -5.23 -2.75 14.69
C2 GOL I . -7.45 -3.28 15.68
O2 GOL I . -8.19 -4.39 16.25
C3 GOL I . -8.19 -2.70 14.56
O3 GOL I . -8.45 -3.65 13.57
C1 GOL J . 3.57 5.59 8.42
O1 GOL J . 3.56 6.19 7.17
C2 GOL J . 3.17 4.12 8.34
O2 GOL J . 2.66 3.69 9.62
C3 GOL J . 4.32 3.19 7.97
O3 GOL J . 4.82 3.32 6.69
C1 GOL K . 9.38 3.37 8.02
O1 GOL K . 10.77 3.28 7.56
C2 GOL K . 9.17 4.44 9.03
O2 GOL K . 9.99 4.28 10.13
C3 GOL K . 7.71 4.46 9.41
O3 GOL K . 7.53 5.58 10.37
C1 GOL L . -3.53 -0.34 19.77
O1 GOL L . -2.25 0.11 20.33
C2 GOL L . -3.97 -1.66 20.25
O2 GOL L . -2.87 -2.36 20.76
C3 GOL L . -4.93 -2.42 19.33
O3 GOL L . -6.25 -1.88 19.70
#